data_1A3R
#
_entry.id   1A3R
#
_cell.length_a   71.790
_cell.length_b   76.320
_cell.length_c   92.320
_cell.angle_alpha   90.00
_cell.angle_beta   90.00
_cell.angle_gamma   90.00
#
_symmetry.space_group_name_H-M   'P 21 21 21'
#
loop_
_entity.id
_entity.type
_entity.pdbx_description
1 polymer 'IGG2A 8F5 FAB (LIGHT CHAIN)'
2 polymer 'IGG2A 8F5 FAB (HEAVY CHAIN)'
3 polymer 'HUMAN RHINOVIRUS CAPSID PROTEIN VP2'
4 water water
#
loop_
_entity_poly.entity_id
_entity_poly.type
_entity_poly.pdbx_seq_one_letter_code
_entity_poly.pdbx_strand_id
1 'polypeptide(L)'
;DIVMTQSPSSLTVTTGEKVTMTCKSSQSLLNSRTQKNYLTWYQQKPGQSPKLLIYWASTRESGVPDRFTGSGSGTDFTLS
ISGVQAEDLAVYYCQNNYNYPLTFGAGTKLELKRADAAPTVSIFPPSSEQLTSGGASVVCFLNNFYPKDINVKWKIDGSE
RQNGVLNSWTDQDSKDSTYSMSSTLTLTKDEYERHNSYTCEATHKTSTSPIVKSFNRNEC
;
L
2 'polypeptide(L)'
;EVQLQQSGAELVRPGASVKLSCTTSGFNIKDIYIHWVKQRPEQGLEWIGRLDPANGYTKYDPKFQGKATITVDTSSNTAY
LHLSSLTSEDTAVYYCDGYYSYYDMDYWGPGTSVTVSSAKTTAPSVYPLAPVCGDTTGSSVTLGCLVKGYFPEPVTLTWN
SGSLSSGVHTFPAVLQSDLYTLSSSVTVTSSTWPSQSITCNVAHPASSTKVDKKIEPR
;
H
3 'polypeptide(L)' VKAETRLNPDLQPTE(NH2) P
#
# COMPACT_ATOMS: atom_id res chain seq x y z
N ASP A 1 -5.52 -17.51 24.35
CA ASP A 1 -5.50 -17.15 22.90
C ASP A 1 -4.45 -17.92 22.13
N ILE A 2 -4.79 -18.28 20.89
CA ILE A 2 -3.88 -19.03 20.03
C ILE A 2 -2.95 -18.08 19.27
N VAL A 3 -1.65 -18.32 19.41
CA VAL A 3 -0.63 -17.51 18.75
C VAL A 3 -0.24 -18.14 17.42
N MET A 4 -0.23 -17.32 16.37
CA MET A 4 0.14 -17.77 15.03
C MET A 4 1.52 -17.23 14.69
N THR A 5 2.45 -18.14 14.41
CA THR A 5 3.82 -17.77 14.08
C THR A 5 4.15 -18.14 12.63
N GLN A 6 4.45 -17.14 11.83
CA GLN A 6 4.80 -17.36 10.43
C GLN A 6 6.29 -17.15 10.21
N SER A 7 6.86 -17.90 9.26
CA SER A 7 8.27 -17.78 8.94
C SER A 7 8.54 -18.33 7.54
N PRO A 8 9.50 -17.74 6.82
CA PRO A 8 10.30 -16.60 7.27
C PRO A 8 9.48 -15.31 7.10
N SER A 9 9.99 -14.19 7.60
CA SER A 9 9.27 -12.93 7.49
C SER A 9 9.43 -12.32 6.09
N SER A 10 10.54 -12.65 5.43
CA SER A 10 10.84 -12.16 4.09
C SER A 10 11.46 -13.30 3.29
N LEU A 11 11.16 -13.35 2.00
CA LEU A 11 11.65 -14.42 1.15
C LEU A 11 11.91 -13.91 -0.26
N THR A 12 13.13 -14.10 -0.76
CA THR A 12 13.50 -13.65 -2.10
C THR A 12 13.75 -14.86 -2.98
N VAL A 13 12.96 -15.01 -4.05
CA VAL A 13 13.09 -16.14 -4.95
C VAL A 13 13.12 -15.75 -6.42
N THR A 14 13.57 -16.67 -7.26
CA THR A 14 13.65 -16.45 -8.70
C THR A 14 12.47 -17.13 -9.38
N THR A 15 12.01 -16.54 -10.48
CA THR A 15 10.89 -17.09 -11.24
C THR A 15 11.08 -18.56 -11.55
N GLY A 16 10.02 -19.34 -11.38
CA GLY A 16 10.09 -20.76 -11.67
C GLY A 16 10.39 -21.71 -10.54
N GLU A 17 11.01 -21.23 -9.46
CA GLU A 17 11.32 -22.13 -8.37
C GLU A 17 10.16 -22.42 -7.42
N LYS A 18 10.30 -23.47 -6.62
CA LYS A 18 9.28 -23.87 -5.66
C LYS A 18 9.52 -23.13 -4.35
N VAL A 19 8.46 -22.51 -3.85
CA VAL A 19 8.51 -21.72 -2.62
C VAL A 19 7.73 -22.41 -1.52
N THR A 20 8.20 -22.28 -0.28
CA THR A 20 7.51 -22.86 0.87
C THR A 20 7.59 -21.95 2.08
N MET A 21 6.44 -21.66 2.68
CA MET A 21 6.38 -20.82 3.87
C MET A 21 5.62 -21.55 4.96
N THR A 22 5.97 -21.29 6.21
CA THR A 22 5.37 -21.99 7.33
C THR A 22 4.50 -21.15 8.27
N CYS A 23 3.48 -21.79 8.83
CA CYS A 23 2.58 -21.15 9.78
C CYS A 23 2.34 -22.16 10.91
N LYS A 24 2.75 -21.78 12.12
CA LYS A 24 2.58 -22.66 13.28
C LYS A 24 1.64 -22.03 14.30
N SER A 25 0.82 -22.87 14.93
CA SER A 25 -0.12 -22.40 15.93
C SER A 25 0.29 -22.97 17.28
N SER A 26 -0.01 -22.23 18.35
CA SER A 26 0.34 -22.68 19.71
C SER A 26 -0.53 -23.84 20.19
N GLN A 27 -1.61 -24.13 19.48
CA GLN A 27 -2.52 -25.22 19.82
C GLN A 27 -3.08 -25.84 18.56
N SER A 28 -3.50 -27.10 18.67
CA SER A 28 -4.07 -27.84 17.55
C SER A 28 -5.30 -27.14 16.97
N LEU A 29 -5.41 -27.13 15.64
CA LEU A 29 -6.56 -26.51 14.98
C LEU A 29 -7.49 -27.58 14.42
N LEU A 30 -7.31 -28.81 14.87
CA LEU A 30 -8.10 -29.95 14.40
C LEU A 30 -9.40 -30.22 15.15
N ASN A 31 -10.47 -30.40 14.40
CA ASN A 31 -11.77 -30.73 14.95
C ASN A 31 -11.90 -32.23 14.73
N SER A 32 -11.95 -33.00 15.83
CA SER A 32 -12.04 -34.46 15.76
C SER A 32 -13.28 -34.99 15.04
N ARG A 33 -14.43 -34.36 15.30
CA ARG A 33 -15.68 -34.78 14.69
C ARG A 33 -15.70 -34.64 13.16
N THR A 34 -15.22 -33.51 12.66
CA THR A 34 -15.18 -33.25 11.21
C THR A 34 -13.85 -33.66 10.55
N GLN A 35 -12.83 -33.92 11.36
CA GLN A 35 -11.51 -34.31 10.87
C GLN A 35 -10.87 -33.27 9.93
N LYS A 36 -11.15 -32.00 10.21
CA LYS A 36 -10.60 -30.89 9.42
C LYS A 36 -9.83 -29.93 10.29
N ASN A 37 -8.81 -29.31 9.71
CA ASN A 37 -7.99 -28.31 10.39
C ASN A 37 -8.46 -26.96 9.86
N TYR A 38 -8.87 -26.08 10.78
CA TYR A 38 -9.38 -24.78 10.37
C TYR A 38 -8.32 -23.69 10.32
N LEU A 39 -7.48 -23.77 9.28
CA LEU A 39 -6.41 -22.82 9.05
C LEU A 39 -6.69 -22.21 7.68
N THR A 40 -6.67 -20.88 7.60
CA THR A 40 -6.95 -20.18 6.35
C THR A 40 -5.77 -19.33 5.87
N TRP A 41 -5.51 -19.37 4.55
CA TRP A 41 -4.42 -18.59 3.94
C TRP A 41 -4.96 -17.45 3.06
N TYR A 42 -4.33 -16.29 3.14
CA TYR A 42 -4.70 -15.11 2.36
C TYR A 42 -3.49 -14.55 1.60
N GLN A 43 -3.77 -13.77 0.56
CA GLN A 43 -2.74 -13.15 -0.25
C GLN A 43 -3.09 -11.67 -0.36
N GLN A 44 -2.12 -10.80 -0.12
CA GLN A 44 -2.37 -9.38 -0.25
C GLN A 44 -1.32 -8.70 -1.11
N LYS A 45 -1.71 -8.33 -2.32
CA LYS A 45 -0.82 -7.65 -3.26
C LYS A 45 -0.72 -6.19 -2.84
N PRO A 46 0.40 -5.54 -3.15
CA PRO A 46 0.63 -4.13 -2.80
C PRO A 46 -0.50 -3.19 -3.19
N GLY A 47 -1.09 -2.55 -2.20
CA GLY A 47 -2.18 -1.61 -2.45
C GLY A 47 -3.54 -2.22 -2.73
N GLN A 48 -3.69 -3.52 -2.52
CA GLN A 48 -4.96 -4.19 -2.76
C GLN A 48 -5.54 -4.82 -1.51
N SER A 49 -6.80 -5.23 -1.59
CA SER A 49 -7.48 -5.88 -0.47
C SER A 49 -7.00 -7.32 -0.41
N PRO A 50 -7.03 -7.92 0.79
CA PRO A 50 -6.59 -9.32 0.90
C PRO A 50 -7.51 -10.20 0.06
N LYS A 51 -7.03 -11.41 -0.28
CA LYS A 51 -7.82 -12.35 -1.05
C LYS A 51 -7.63 -13.73 -0.43
N LEU A 52 -8.72 -14.45 -0.21
CA LEU A 52 -8.63 -15.79 0.37
C LEU A 52 -8.15 -16.78 -0.69
N LEU A 53 -7.14 -17.58 -0.33
CA LEU A 53 -6.59 -18.56 -1.25
C LEU A 53 -7.03 -19.97 -0.89
N ILE A 54 -6.78 -20.35 0.37
CA ILE A 54 -7.08 -21.69 0.87
C ILE A 54 -7.74 -21.71 2.25
N TYR A 55 -8.69 -22.62 2.44
CA TYR A 55 -9.35 -22.79 3.73
C TYR A 55 -9.31 -24.29 4.06
N TRP A 56 -9.53 -24.63 5.33
CA TRP A 56 -9.48 -26.02 5.79
C TRP A 56 -8.06 -26.57 5.57
N ALA A 57 -7.08 -25.68 5.67
CA ALA A 57 -5.67 -26.01 5.50
C ALA A 57 -5.22 -26.41 4.09
N SER A 58 -6.09 -27.04 3.31
CA SER A 58 -5.69 -27.46 1.96
C SER A 58 -6.73 -27.37 0.85
N THR A 59 -7.86 -26.72 1.11
CA THR A 59 -8.89 -26.58 0.08
C THR A 59 -8.84 -25.21 -0.57
N ARG A 60 -8.64 -25.18 -1.89
CA ARG A 60 -8.58 -23.93 -2.62
C ARG A 60 -9.95 -23.38 -2.97
N GLU A 61 -10.08 -22.06 -2.93
CA GLU A 61 -11.32 -21.41 -3.30
C GLU A 61 -11.37 -21.46 -4.83
N SER A 62 -12.58 -21.41 -5.41
CA SER A 62 -12.71 -21.45 -6.86
C SER A 62 -11.97 -20.29 -7.51
N GLY A 63 -11.23 -20.59 -8.57
CA GLY A 63 -10.49 -19.56 -9.27
C GLY A 63 -9.03 -19.46 -8.90
N VAL A 64 -8.66 -19.98 -7.74
CA VAL A 64 -7.28 -19.95 -7.28
C VAL A 64 -6.42 -20.90 -8.12
N PRO A 65 -5.31 -20.40 -8.69
CA PRO A 65 -4.39 -21.19 -9.52
C PRO A 65 -3.94 -22.50 -8.85
N ASP A 66 -3.69 -23.51 -9.68
CA ASP A 66 -3.26 -24.83 -9.21
C ASP A 66 -1.87 -24.85 -8.55
N ARG A 67 -1.04 -23.85 -8.84
CA ARG A 67 0.30 -23.82 -8.26
C ARG A 67 0.33 -23.52 -6.77
N PHE A 68 -0.81 -23.10 -6.21
CA PHE A 68 -0.92 -22.81 -4.78
C PHE A 68 -1.42 -24.05 -4.07
N THR A 69 -0.58 -24.61 -3.20
CA THR A 69 -0.93 -25.81 -2.45
C THR A 69 -0.76 -25.56 -0.94
N GLY A 70 -1.66 -26.14 -0.17
CA GLY A 70 -1.59 -25.99 1.27
C GLY A 70 -1.62 -27.37 1.91
N SER A 71 -0.87 -27.55 3.00
CA SER A 71 -0.85 -28.83 3.69
C SER A 71 -0.50 -28.68 5.17
N GLY A 72 -0.54 -29.79 5.89
CA GLY A 72 -0.24 -29.77 7.30
C GLY A 72 -1.43 -30.15 8.14
N SER A 73 -1.18 -30.45 9.41
CA SER A 73 -2.24 -30.84 10.33
C SER A 73 -1.78 -30.62 11.75
N GLY A 74 -2.73 -30.38 12.64
CA GLY A 74 -2.41 -30.16 14.04
C GLY A 74 -1.94 -28.75 14.35
N THR A 75 -0.62 -28.56 14.40
CA THR A 75 -0.04 -27.25 14.71
C THR A 75 0.93 -26.71 13.66
N ASP A 76 1.33 -27.56 12.71
CA ASP A 76 2.28 -27.15 11.66
C ASP A 76 1.66 -27.18 10.26
N PHE A 77 1.67 -26.02 9.60
CA PHE A 77 1.09 -25.88 8.27
C PHE A 77 2.04 -25.17 7.31
N THR A 78 1.88 -25.44 6.02
CA THR A 78 2.72 -24.81 5.00
C THR A 78 1.92 -24.42 3.76
N LEU A 79 2.41 -23.39 3.08
CA LEU A 79 1.83 -22.92 1.82
C LEU A 79 2.97 -23.04 0.83
N SER A 80 2.73 -23.70 -0.29
CA SER A 80 3.74 -23.88 -1.31
C SER A 80 3.29 -23.32 -2.65
N ILE A 81 4.23 -22.75 -3.39
CA ILE A 81 3.96 -22.21 -4.71
C ILE A 81 4.91 -22.89 -5.70
N SER A 82 4.34 -23.71 -6.58
CA SER A 82 5.13 -24.45 -7.57
C SER A 82 5.35 -23.63 -8.84
N GLY A 83 6.52 -23.02 -8.95
CA GLY A 83 6.82 -22.22 -10.13
C GLY A 83 6.31 -20.80 -9.95
N VAL A 84 6.85 -20.12 -8.96
CA VAL A 84 6.47 -18.74 -8.64
C VAL A 84 6.63 -17.82 -9.85
N GLN A 85 5.64 -16.96 -10.07
CA GLN A 85 5.67 -16.03 -11.20
C GLN A 85 5.85 -14.61 -10.70
N ALA A 86 6.00 -13.68 -11.63
CA ALA A 86 6.20 -12.27 -11.30
C ALA A 86 5.03 -11.61 -10.58
N GLU A 87 3.83 -12.13 -10.82
CA GLU A 87 2.62 -11.57 -10.19
C GLU A 87 2.34 -12.13 -8.80
N ASP A 88 3.13 -13.11 -8.38
CA ASP A 88 2.95 -13.73 -7.07
C ASP A 88 3.56 -12.88 -5.98
N LEU A 89 4.09 -11.73 -6.39
CA LEU A 89 4.68 -10.77 -5.48
C LEU A 89 3.56 -10.27 -4.54
N ALA A 90 3.70 -10.54 -3.25
CA ALA A 90 2.69 -10.15 -2.27
C ALA A 90 3.07 -10.59 -0.85
N VAL A 91 2.20 -10.31 0.11
CA VAL A 91 2.43 -10.74 1.48
C VAL A 91 1.37 -11.82 1.71
N TYR A 92 1.78 -12.93 2.31
CA TYR A 92 0.89 -14.05 2.57
C TYR A 92 0.63 -14.19 4.07
N TYR A 93 -0.64 -14.33 4.43
CA TYR A 93 -1.06 -14.44 5.82
C TYR A 93 -1.85 -15.71 6.12
N CYS A 94 -1.64 -16.26 7.31
CA CYS A 94 -2.40 -17.44 7.74
C CYS A 94 -3.27 -16.95 8.90
N GLN A 95 -4.42 -17.59 9.09
CA GLN A 95 -5.34 -17.18 10.15
C GLN A 95 -6.03 -18.35 10.84
N ASN A 96 -6.20 -18.20 12.14
CA ASN A 96 -6.87 -19.19 12.97
C ASN A 96 -8.39 -19.06 12.77
N ASN A 97 -9.02 -20.16 12.35
CA ASN A 97 -10.47 -20.19 12.14
C ASN A 97 -11.05 -21.32 13.01
N TYR A 98 -10.27 -21.75 14.00
CA TYR A 98 -10.64 -22.82 14.93
C TYR A 98 -11.40 -22.31 16.14
N ASN A 99 -10.98 -21.18 16.69
CA ASN A 99 -11.67 -20.58 17.83
C ASN A 99 -11.35 -19.10 18.00
N TYR A 100 -12.17 -18.40 18.76
CA TYR A 100 -12.00 -16.96 18.98
C TYR A 100 -10.90 -16.62 19.97
N PRO A 101 -10.14 -15.54 19.71
CA PRO A 101 -10.27 -14.66 18.53
C PRO A 101 -9.60 -15.26 17.28
N LEU A 102 -10.13 -14.91 16.11
CA LEU A 102 -9.61 -15.41 14.83
C LEU A 102 -8.34 -14.65 14.41
N THR A 103 -7.27 -14.88 15.16
CA THR A 103 -5.98 -14.22 14.96
C THR A 103 -5.20 -14.53 13.68
N PHE A 104 -4.60 -13.48 13.12
CA PHE A 104 -3.79 -13.57 11.91
C PHE A 104 -2.32 -13.68 12.32
N GLY A 105 -1.53 -14.27 11.43
CA GLY A 105 -0.09 -14.38 11.67
C GLY A 105 0.53 -13.07 11.19
N ALA A 106 1.81 -12.86 11.44
CA ALA A 106 2.51 -11.63 11.04
C ALA A 106 2.76 -11.50 9.54
N GLY A 107 2.66 -12.61 8.81
CA GLY A 107 2.85 -12.59 7.37
C GLY A 107 4.25 -12.85 6.84
N THR A 108 4.31 -13.33 5.60
CA THR A 108 5.58 -13.61 4.93
C THR A 108 5.61 -12.80 3.64
N LYS A 109 6.56 -11.88 3.53
CA LYS A 109 6.69 -11.05 2.35
C LYS A 109 7.50 -11.78 1.26
N LEU A 110 6.95 -11.87 0.06
CA LEU A 110 7.62 -12.55 -1.05
C LEU A 110 8.11 -11.53 -2.09
N GLU A 111 9.42 -11.55 -2.36
CA GLU A 111 10.03 -10.67 -3.34
C GLU A 111 10.74 -11.48 -4.42
N LEU A 112 10.87 -10.90 -5.61
CA LEU A 112 11.52 -11.61 -6.71
C LEU A 112 12.97 -11.20 -6.95
N LYS A 113 13.77 -12.16 -7.39
CA LYS A 113 15.17 -11.93 -7.69
C LYS A 113 15.35 -11.95 -9.20
N ARG A 114 16.03 -10.95 -9.73
CA ARG A 114 16.30 -10.86 -11.16
C ARG A 114 17.74 -10.37 -11.31
N ALA A 115 18.21 -10.30 -12.56
CA ALA A 115 19.57 -9.84 -12.84
C ALA A 115 19.74 -8.39 -12.39
N ASP A 116 20.96 -8.03 -12.00
CA ASP A 116 21.22 -6.65 -11.55
C ASP A 116 20.91 -5.66 -12.66
N ALA A 117 20.36 -4.51 -12.28
CA ALA A 117 20.03 -3.46 -13.23
C ALA A 117 20.49 -2.12 -12.66
N ALA A 118 21.23 -1.35 -13.46
CA ALA A 118 21.72 -0.05 -13.02
C ALA A 118 20.63 1.02 -13.10
N PRO A 119 20.57 1.91 -12.09
CA PRO A 119 19.57 2.96 -12.05
C PRO A 119 19.80 4.09 -13.04
N THR A 120 18.72 4.60 -13.63
CA THR A 120 18.81 5.72 -14.55
C THR A 120 18.56 6.94 -13.68
N VAL A 121 19.57 7.80 -13.58
CA VAL A 121 19.47 9.00 -12.73
C VAL A 121 19.21 10.30 -13.48
N SER A 122 18.31 11.11 -12.93
CA SER A 122 17.94 12.40 -13.50
C SER A 122 17.83 13.43 -12.38
N ILE A 123 18.36 14.63 -12.59
CA ILE A 123 18.30 15.69 -11.58
C ILE A 123 17.47 16.85 -12.12
N PHE A 124 16.71 17.51 -11.25
CA PHE A 124 15.87 18.62 -11.66
C PHE A 124 15.97 19.84 -10.76
N PRO A 125 16.36 20.98 -11.32
CA PRO A 125 16.49 22.25 -10.58
C PRO A 125 15.08 22.73 -10.19
N PRO A 126 14.98 23.68 -9.26
CA PRO A 126 13.67 24.20 -8.83
C PRO A 126 12.93 24.89 -9.99
N SER A 127 11.61 24.74 -10.04
CA SER A 127 10.83 25.40 -11.10
C SER A 127 10.70 26.88 -10.74
N SER A 128 10.61 27.74 -11.75
CA SER A 128 10.51 29.18 -11.51
C SER A 128 9.33 29.54 -10.60
N GLU A 129 8.24 28.79 -10.73
CA GLU A 129 7.03 29.02 -9.94
C GLU A 129 7.24 28.80 -8.46
N GLN A 130 8.02 27.77 -8.10
CA GLN A 130 8.28 27.49 -6.70
C GLN A 130 9.16 28.59 -6.09
N LEU A 131 10.12 29.07 -6.88
CA LEU A 131 11.04 30.11 -6.45
C LEU A 131 10.30 31.40 -6.13
N THR A 132 9.26 31.70 -6.91
CA THR A 132 8.44 32.88 -6.71
C THR A 132 7.74 32.82 -5.35
N SER A 133 7.53 31.60 -4.84
CA SER A 133 6.87 31.39 -3.55
C SER A 133 7.86 31.39 -2.39
N GLY A 134 9.14 31.56 -2.67
CA GLY A 134 10.14 31.58 -1.62
C GLY A 134 10.64 30.21 -1.18
N GLY A 135 10.45 29.21 -2.04
CA GLY A 135 10.90 27.87 -1.73
C GLY A 135 11.72 27.29 -2.87
N ALA A 136 12.52 26.28 -2.58
CA ALA A 136 13.36 25.66 -3.61
C ALA A 136 13.63 24.19 -3.36
N SER A 137 13.03 23.32 -4.17
CA SER A 137 13.22 21.88 -4.05
C SER A 137 14.00 21.33 -5.25
N VAL A 138 14.99 20.47 -4.97
CA VAL A 138 15.79 19.85 -6.02
C VAL A 138 15.42 18.37 -6.01
N VAL A 139 14.97 17.87 -7.16
CA VAL A 139 14.55 16.48 -7.26
C VAL A 139 15.52 15.58 -8.02
N CYS A 140 15.67 14.36 -7.52
CA CYS A 140 16.54 13.38 -8.15
C CYS A 140 15.77 12.08 -8.28
N PHE A 141 15.64 11.59 -9.51
CA PHE A 141 14.94 10.34 -9.78
C PHE A 141 15.96 9.25 -10.11
N LEU A 142 15.77 8.08 -9.50
CA LEU A 142 16.64 6.93 -9.74
C LEU A 142 15.71 5.78 -10.10
N ASN A 143 15.50 5.59 -11.41
CA ASN A 143 14.56 4.57 -11.89
C ASN A 143 15.09 3.24 -12.40
N ASN A 144 14.24 2.23 -12.27
CA ASN A 144 14.48 0.87 -12.73
C ASN A 144 15.79 0.19 -12.37
N PHE A 145 16.01 -0.04 -11.08
CA PHE A 145 17.23 -0.69 -10.62
C PHE A 145 16.98 -1.93 -9.78
N TYR A 146 18.02 -2.75 -9.64
CA TYR A 146 18.00 -3.97 -8.85
C TYR A 146 19.44 -4.35 -8.55
N PRO A 147 19.74 -4.76 -7.30
CA PRO A 147 18.84 -4.92 -6.16
C PRO A 147 18.34 -3.61 -5.54
N LYS A 148 17.47 -3.76 -4.55
CA LYS A 148 16.86 -2.64 -3.83
C LYS A 148 17.82 -1.77 -3.04
N ASP A 149 18.90 -2.36 -2.52
CA ASP A 149 19.89 -1.62 -1.73
C ASP A 149 20.54 -0.51 -2.54
N ILE A 150 20.38 0.72 -2.06
CA ILE A 150 20.95 1.89 -2.73
C ILE A 150 21.17 2.98 -1.69
N ASN A 151 22.14 3.86 -1.94
CA ASN A 151 22.44 4.94 -1.02
C ASN A 151 22.59 6.25 -1.77
N VAL A 152 21.80 7.24 -1.38
CA VAL A 152 21.83 8.55 -2.01
C VAL A 152 22.32 9.65 -1.07
N LYS A 153 23.23 10.48 -1.58
CA LYS A 153 23.80 11.59 -0.82
C LYS A 153 23.65 12.87 -1.62
N TRP A 154 23.42 13.97 -0.92
CA TRP A 154 23.30 15.27 -1.56
C TRP A 154 24.53 16.11 -1.22
N LYS A 155 25.20 16.61 -2.25
CA LYS A 155 26.38 17.45 -2.07
C LYS A 155 26.09 18.83 -2.64
N ILE A 156 26.27 19.85 -1.81
CA ILE A 156 26.06 21.24 -2.22
C ILE A 156 27.42 21.91 -2.13
N ASP A 157 27.96 22.29 -3.28
CA ASP A 157 29.28 22.92 -3.36
C ASP A 157 30.32 21.97 -2.77
N GLY A 158 30.18 20.68 -3.10
CA GLY A 158 31.09 19.66 -2.63
C GLY A 158 30.89 19.13 -1.22
N SER A 159 30.13 19.85 -0.40
CA SER A 159 29.88 19.45 0.98
C SER A 159 28.58 18.68 1.12
N GLU A 160 28.60 17.61 1.91
CA GLU A 160 27.41 16.79 2.12
C GLU A 160 26.34 17.52 2.94
N ARG A 161 25.07 17.28 2.61
CA ARG A 161 23.96 17.90 3.33
C ARG A 161 22.99 16.84 3.84
N GLN A 162 22.71 16.96 5.13
CA GLN A 162 21.85 16.00 5.85
C GLN A 162 20.67 16.69 6.54
N ASN A 163 19.94 17.48 5.79
CA ASN A 163 18.76 18.18 6.31
C ASN A 163 17.92 18.76 5.18
N GLY A 164 16.63 18.43 5.19
CA GLY A 164 15.72 18.90 4.17
C GLY A 164 15.54 17.85 3.09
N VAL A 165 15.95 16.63 3.38
CA VAL A 165 15.85 15.52 2.42
C VAL A 165 14.64 14.64 2.71
N LEU A 166 13.95 14.25 1.64
CA LEU A 166 12.77 13.41 1.75
C LEU A 166 12.82 12.34 0.66
N ASN A 167 12.93 11.08 1.06
CA ASN A 167 13.01 9.96 0.11
C ASN A 167 11.75 9.11 0.05
N SER A 168 11.54 8.47 -1.10
CA SER A 168 10.37 7.62 -1.32
C SER A 168 10.68 6.53 -2.35
N TRP A 169 10.24 5.30 -2.05
CA TRP A 169 10.46 4.15 -2.92
C TRP A 169 9.16 3.54 -3.40
N THR A 170 9.18 2.99 -4.60
CA THR A 170 7.99 2.32 -5.14
C THR A 170 8.11 0.85 -4.76
N ASP A 171 7.01 0.09 -4.90
CA ASP A 171 7.05 -1.32 -4.60
C ASP A 171 7.72 -1.97 -5.80
N GLN A 172 8.13 -3.23 -5.65
CA GLN A 172 8.77 -3.94 -6.74
C GLN A 172 7.77 -4.06 -7.89
N ASP A 173 8.18 -3.71 -9.09
CA ASP A 173 7.31 -3.79 -10.26
C ASP A 173 6.85 -5.23 -10.50
N SER A 174 5.57 -5.41 -10.81
CA SER A 174 5.01 -6.75 -11.04
C SER A 174 5.36 -7.37 -12.39
N LYS A 175 6.06 -6.61 -13.23
CA LYS A 175 6.46 -7.07 -14.57
C LYS A 175 7.98 -7.25 -14.69
N ASP A 176 8.73 -6.15 -14.61
CA ASP A 176 10.17 -6.21 -14.74
C ASP A 176 10.95 -6.45 -13.43
N SER A 177 10.23 -6.50 -12.31
CA SER A 177 10.83 -6.75 -11.00
C SER A 177 11.85 -5.74 -10.49
N THR A 178 11.81 -4.51 -11.00
CA THR A 178 12.75 -3.47 -10.55
C THR A 178 12.13 -2.52 -9.53
N TYR A 179 13.00 -1.68 -8.95
CA TYR A 179 12.60 -0.69 -7.96
C TYR A 179 12.95 0.69 -8.49
N SER A 180 12.28 1.71 -7.97
CA SER A 180 12.55 3.09 -8.36
C SER A 180 12.51 3.93 -7.09
N MET A 181 13.28 5.02 -7.10
CA MET A 181 13.35 5.89 -5.93
C MET A 181 13.33 7.36 -6.30
N SER A 182 12.81 8.16 -5.37
CA SER A 182 12.70 9.59 -5.54
C SER A 182 13.27 10.26 -4.31
N SER A 183 14.15 11.24 -4.51
CA SER A 183 14.76 11.97 -3.40
C SER A 183 14.60 13.46 -3.63
N THR A 184 14.04 14.16 -2.65
CA THR A 184 13.83 15.59 -2.77
C THR A 184 14.52 16.38 -1.66
N LEU A 185 15.29 17.39 -2.07
CA LEU A 185 16.01 18.27 -1.17
C LEU A 185 15.29 19.64 -1.17
N THR A 186 14.74 20.03 -0.03
CA THR A 186 14.05 21.32 0.03
C THR A 186 14.79 22.34 0.87
N LEU A 187 14.93 23.54 0.30
CA LEU A 187 15.59 24.66 0.93
C LEU A 187 14.72 25.89 0.74
N THR A 188 15.11 26.98 1.38
CA THR A 188 14.41 28.26 1.26
C THR A 188 15.02 28.88 0.00
N LYS A 189 14.33 29.84 -0.61
CA LYS A 189 14.84 30.50 -1.82
C LYS A 189 16.18 31.18 -1.55
N ASP A 190 16.35 31.67 -0.32
CA ASP A 190 17.58 32.36 0.08
C ASP A 190 18.75 31.40 0.21
N GLU A 191 18.52 30.32 0.97
CA GLU A 191 19.54 29.30 1.19
C GLU A 191 20.00 28.73 -0.14
N TYR A 192 19.06 28.57 -1.07
CA TYR A 192 19.33 28.04 -2.40
C TYR A 192 20.25 28.95 -3.21
N GLU A 193 20.01 30.25 -3.14
CA GLU A 193 20.81 31.22 -3.88
C GLU A 193 22.18 31.52 -3.29
N ARG A 194 22.48 30.91 -2.14
CA ARG A 194 23.76 31.12 -1.49
C ARG A 194 24.83 30.17 -2.02
N HIS A 195 24.40 29.09 -2.65
CA HIS A 195 25.33 28.10 -3.19
C HIS A 195 25.23 28.03 -4.71
N ASN A 196 26.04 27.17 -5.33
CA ASN A 196 26.04 27.07 -6.79
C ASN A 196 25.89 25.65 -7.34
N SER A 197 26.78 24.75 -6.91
CA SER A 197 26.78 23.37 -7.37
C SER A 197 25.90 22.44 -6.56
N TYR A 198 24.98 21.75 -7.24
CA TYR A 198 24.07 20.81 -6.58
C TYR A 198 24.26 19.42 -7.17
N THR A 199 24.59 18.46 -6.31
CA THR A 199 24.87 17.10 -6.76
C THR A 199 24.08 15.98 -6.07
N CYS A 200 23.57 15.07 -6.91
CA CYS A 200 22.85 13.89 -6.47
C CYS A 200 23.82 12.74 -6.71
N GLU A 201 24.29 12.12 -5.63
CA GLU A 201 25.26 11.05 -5.72
C GLU A 201 24.73 9.71 -5.20
N ALA A 202 24.64 8.72 -6.09
CA ALA A 202 24.13 7.40 -5.73
C ALA A 202 25.18 6.31 -5.76
N THR A 203 25.12 5.42 -4.78
CA THR A 203 26.04 4.28 -4.70
C THR A 203 25.19 3.02 -4.81
N HIS A 204 25.47 2.22 -5.83
CA HIS A 204 24.74 0.99 -6.07
C HIS A 204 25.69 -0.14 -6.46
N LYS A 205 25.29 -1.36 -6.13
CA LYS A 205 26.07 -2.57 -6.42
C LYS A 205 26.56 -2.68 -7.86
N THR A 206 25.80 -2.15 -8.83
CA THR A 206 26.16 -2.24 -10.24
C THR A 206 27.31 -1.35 -10.71
N SER A 207 27.92 -0.60 -9.79
CA SER A 207 29.03 0.27 -10.15
C SER A 207 30.03 0.43 -9.02
N THR A 208 31.31 0.43 -9.38
CA THR A 208 32.39 0.60 -8.41
C THR A 208 32.51 2.08 -8.03
N SER A 209 32.19 2.94 -8.99
CA SER A 209 32.23 4.39 -8.80
C SER A 209 30.80 4.91 -8.60
N PRO A 210 30.63 5.93 -7.74
CA PRO A 210 29.31 6.50 -7.50
C PRO A 210 28.72 7.16 -8.75
N ILE A 211 27.42 6.97 -8.97
CA ILE A 211 26.72 7.56 -10.11
C ILE A 211 26.37 8.98 -9.72
N VAL A 212 26.90 9.94 -10.47
CA VAL A 212 26.72 11.36 -10.21
C VAL A 212 25.96 12.15 -11.27
N LYS A 213 25.01 12.97 -10.80
CA LYS A 213 24.22 13.85 -11.66
C LYS A 213 24.30 15.19 -10.96
N SER A 214 24.56 16.26 -11.73
CA SER A 214 24.72 17.57 -11.14
C SER A 214 24.42 18.73 -12.07
N PHE A 215 24.33 19.92 -11.50
CA PHE A 215 24.07 21.16 -12.25
C PHE A 215 24.55 22.36 -11.44
N ASN A 216 24.74 23.49 -12.13
CA ASN A 216 25.16 24.73 -11.48
C ASN A 216 24.02 25.74 -11.61
N ARG A 217 23.62 26.30 -10.48
CA ARG A 217 22.52 27.26 -10.43
C ARG A 217 22.65 28.49 -11.33
N ASN A 218 23.83 29.10 -11.33
CA ASN A 218 24.07 30.30 -12.14
C ASN A 218 24.16 30.08 -13.66
N GLU A 219 24.06 28.82 -14.08
CA GLU A 219 24.14 28.50 -15.50
C GLU A 219 22.80 28.13 -16.09
N CYS A 220 22.77 28.01 -17.41
CA CYS A 220 21.57 27.62 -18.14
C CYS A 220 21.94 27.27 -19.59
N VAL B 2 -19.29 -8.75 -6.71
CA VAL B 2 -17.84 -9.09 -6.61
C VAL B 2 -17.14 -8.41 -5.43
N GLN B 3 -17.44 -7.13 -5.22
CA GLN B 3 -16.84 -6.41 -4.12
C GLN B 3 -17.86 -5.57 -3.38
N LEU B 4 -17.75 -5.59 -2.05
CA LEU B 4 -18.64 -4.85 -1.17
C LEU B 4 -18.34 -3.36 -1.25
N GLN B 5 -19.31 -2.54 -0.87
CA GLN B 5 -19.13 -1.10 -0.90
C GLN B 5 -18.81 -0.59 0.50
N GLN B 6 -17.83 0.28 0.60
CA GLN B 6 -17.46 0.88 1.88
C GLN B 6 -17.45 2.38 1.73
N SER B 7 -17.68 3.07 2.84
CA SER B 7 -17.72 4.54 2.86
C SER B 7 -16.34 5.16 2.57
N GLY B 8 -16.36 6.41 2.13
CA GLY B 8 -15.13 7.12 1.78
C GLY B 8 -14.18 7.42 2.92
N ALA B 9 -12.99 7.93 2.56
CA ALA B 9 -11.94 8.27 3.50
C ALA B 9 -12.40 9.26 4.57
N GLU B 10 -11.92 9.06 5.79
CA GLU B 10 -12.28 9.92 6.92
C GLU B 10 -11.09 10.59 7.58
N LEU B 11 -11.22 11.89 7.83
CA LEU B 11 -10.19 12.63 8.54
C LEU B 11 -10.92 13.01 9.83
N VAL B 12 -10.44 12.49 10.96
CA VAL B 12 -11.08 12.76 12.24
C VAL B 12 -10.06 13.17 13.29
N ARG B 13 -10.41 14.15 14.11
CA ARG B 13 -9.50 14.65 15.14
C ARG B 13 -9.41 13.75 16.37
N PRO B 14 -8.27 13.78 17.09
CA PRO B 14 -8.05 12.96 18.30
C PRO B 14 -9.15 13.14 19.34
N GLY B 15 -9.60 12.03 19.93
CA GLY B 15 -10.63 12.08 20.95
C GLY B 15 -12.05 11.92 20.42
N ALA B 16 -12.24 12.20 19.14
CA ALA B 16 -13.57 12.07 18.53
C ALA B 16 -13.83 10.62 18.15
N SER B 17 -15.03 10.35 17.66
CA SER B 17 -15.41 9.00 17.25
C SER B 17 -15.80 9.03 15.78
N VAL B 18 -15.96 7.86 15.18
CA VAL B 18 -16.32 7.76 13.77
C VAL B 18 -17.10 6.47 13.51
N LYS B 19 -17.96 6.49 12.50
CA LYS B 19 -18.75 5.32 12.15
C LYS B 19 -18.57 5.00 10.66
N LEU B 20 -17.99 3.85 10.37
CA LEU B 20 -17.75 3.41 9.00
C LEU B 20 -18.86 2.46 8.57
N SER B 21 -19.17 2.43 7.28
CA SER B 21 -20.23 1.56 6.78
C SER B 21 -19.77 0.60 5.69
N CYS B 22 -20.50 -0.51 5.56
CA CYS B 22 -20.22 -1.53 4.57
C CYS B 22 -21.55 -2.07 4.04
N THR B 23 -21.82 -1.81 2.77
CA THR B 23 -23.05 -2.23 2.11
C THR B 23 -22.79 -3.43 1.21
N THR B 24 -23.51 -4.52 1.46
CA THR B 24 -23.34 -5.74 0.68
C THR B 24 -24.24 -5.78 -0.56
N SER B 25 -23.95 -4.91 -1.52
CA SER B 25 -24.72 -4.86 -2.75
C SER B 25 -24.59 -6.19 -3.48
N GLY B 26 -25.74 -6.78 -3.83
CA GLY B 26 -25.76 -8.06 -4.52
C GLY B 26 -26.10 -9.21 -3.60
N PHE B 27 -26.16 -8.93 -2.29
CA PHE B 27 -26.48 -9.94 -1.31
C PHE B 27 -27.40 -9.41 -0.23
N ASN B 28 -28.22 -10.31 0.31
CA ASN B 28 -29.12 -9.97 1.40
C ASN B 28 -28.18 -10.09 2.60
N ILE B 29 -27.99 -9.00 3.34
CA ILE B 29 -27.07 -9.04 4.49
C ILE B 29 -27.38 -10.09 5.56
N LYS B 30 -28.60 -10.62 5.54
CA LYS B 30 -28.99 -11.64 6.51
C LYS B 30 -28.40 -13.01 6.16
N ASP B 31 -27.77 -13.11 4.99
CA ASP B 31 -27.16 -14.35 4.54
C ASP B 31 -25.63 -14.24 4.47
N ILE B 32 -25.09 -13.15 4.98
CA ILE B 32 -23.65 -12.91 4.95
C ILE B 32 -23.01 -12.81 6.33
N TYR B 33 -21.80 -13.36 6.46
CA TYR B 33 -21.05 -13.31 7.70
C TYR B 33 -20.06 -12.15 7.58
N ILE B 34 -20.34 -11.06 8.28
CA ILE B 34 -19.48 -9.87 8.25
C ILE B 34 -18.36 -9.86 9.30
N HIS B 35 -17.16 -9.52 8.84
CA HIS B 35 -15.98 -9.43 9.69
C HIS B 35 -15.33 -8.08 9.41
N TRP B 36 -14.74 -7.45 10.43
CA TRP B 36 -14.04 -6.17 10.25
C TRP B 36 -12.56 -6.43 10.56
N VAL B 37 -11.69 -5.98 9.65
CA VAL B 37 -10.25 -6.19 9.80
C VAL B 37 -9.48 -4.86 9.68
N LYS B 38 -8.56 -4.63 10.61
CA LYS B 38 -7.76 -3.40 10.65
C LYS B 38 -6.34 -3.61 10.13
N GLN B 39 -5.77 -2.59 9.51
CA GLN B 39 -4.39 -2.67 9.02
C GLN B 39 -3.70 -1.32 9.08
N ARG B 40 -2.82 -1.16 10.05
CA ARG B 40 -2.06 0.07 10.21
C ARG B 40 -1.01 0.13 9.11
N PRO B 41 -0.51 1.33 8.78
CA PRO B 41 0.50 1.51 7.73
C PRO B 41 1.71 0.60 7.89
N GLU B 42 2.00 -0.16 6.83
CA GLU B 42 3.13 -1.09 6.79
C GLU B 42 3.11 -2.21 7.83
N GLN B 43 1.97 -2.42 8.47
CA GLN B 43 1.83 -3.48 9.47
C GLN B 43 0.93 -4.59 8.95
N GLY B 44 0.76 -5.64 9.75
CA GLY B 44 -0.07 -6.76 9.35
C GLY B 44 -1.57 -6.59 9.60
N LEU B 45 -2.33 -7.59 9.18
CA LEU B 45 -3.78 -7.62 9.33
C LEU B 45 -4.18 -7.95 10.77
N GLU B 46 -5.20 -7.27 11.28
CA GLU B 46 -5.69 -7.50 12.66
C GLU B 46 -7.20 -7.69 12.67
N TRP B 47 -7.65 -8.82 13.21
CA TRP B 47 -9.07 -9.13 13.31
C TRP B 47 -9.72 -8.35 14.46
N ILE B 48 -10.78 -7.60 14.15
CA ILE B 48 -11.50 -6.82 15.15
C ILE B 48 -12.70 -7.59 15.72
N GLY B 49 -13.60 -8.02 14.84
CA GLY B 49 -14.77 -8.73 15.28
C GLY B 49 -15.64 -9.27 14.16
N ARG B 50 -16.70 -9.98 14.54
CA ARG B 50 -17.64 -10.62 13.62
C ARG B 50 -19.10 -10.41 14.02
N LEU B 51 -19.97 -10.23 13.02
CA LEU B 51 -21.41 -10.04 13.24
C LEU B 51 -22.13 -11.30 12.78
N ASP B 52 -22.96 -11.88 13.64
CA ASP B 52 -23.71 -13.09 13.32
C ASP B 52 -25.02 -12.69 12.63
N PRO B 53 -25.24 -13.16 11.39
CA PRO B 53 -26.45 -12.85 10.62
C PRO B 53 -27.73 -13.50 11.14
N ALA B 54 -27.57 -14.60 11.87
CA ALA B 54 -28.71 -15.33 12.41
C ALA B 54 -29.39 -14.68 13.61
N ASN B 55 -28.65 -13.88 14.39
CA ASN B 55 -29.23 -13.26 15.58
C ASN B 55 -28.83 -11.82 15.90
N GLY B 56 -27.86 -11.29 15.15
CA GLY B 56 -27.42 -9.93 15.40
C GLY B 56 -26.37 -9.76 16.48
N TYR B 57 -25.93 -10.89 17.06
CA TYR B 57 -24.90 -10.87 18.11
C TYR B 57 -23.50 -10.67 17.51
N THR B 58 -22.65 -9.94 18.23
CA THR B 58 -21.29 -9.69 17.78
C THR B 58 -20.23 -10.18 18.77
N LYS B 59 -19.12 -10.67 18.22
CA LYS B 59 -17.99 -11.20 18.99
C LYS B 59 -16.77 -10.33 18.64
N TYR B 60 -15.90 -10.05 19.63
CA TYR B 60 -14.74 -9.21 19.41
C TYR B 60 -13.47 -9.80 19.99
N ASP B 61 -12.35 -9.31 19.46
CA ASP B 61 -11.04 -9.62 20.04
C ASP B 61 -11.01 -8.76 21.31
N PRO B 62 -10.64 -9.34 22.46
CA PRO B 62 -10.57 -8.62 23.72
C PRO B 62 -9.92 -7.24 23.68
N LYS B 63 -8.88 -7.08 22.85
CA LYS B 63 -8.20 -5.80 22.77
C LYS B 63 -8.96 -4.69 22.04
N PHE B 64 -10.06 -5.05 21.37
CA PHE B 64 -10.89 -4.07 20.65
C PHE B 64 -12.26 -3.86 21.30
N GLN B 65 -12.52 -4.64 22.35
CA GLN B 65 -13.77 -4.59 23.09
C GLN B 65 -14.24 -3.21 23.55
N GLY B 66 -13.33 -2.42 24.09
CA GLY B 66 -13.69 -1.10 24.57
C GLY B 66 -13.60 0.01 23.56
N LYS B 67 -13.17 -0.30 22.34
CA LYS B 67 -12.99 0.70 21.28
C LYS B 67 -13.98 0.55 20.12
N ALA B 68 -14.27 -0.69 19.75
CA ALA B 68 -15.15 -0.96 18.62
C ALA B 68 -16.54 -1.50 18.94
N THR B 69 -17.48 -1.19 18.06
CA THR B 69 -18.86 -1.66 18.19
C THR B 69 -19.40 -1.86 16.77
N ILE B 70 -19.84 -3.08 16.49
CA ILE B 70 -20.37 -3.45 15.19
C ILE B 70 -21.89 -3.57 15.28
N THR B 71 -22.60 -2.91 14.37
CA THR B 71 -24.05 -2.96 14.33
C THR B 71 -24.51 -3.22 12.88
N VAL B 72 -25.80 -3.42 12.68
CA VAL B 72 -26.32 -3.70 11.34
C VAL B 72 -27.73 -3.14 11.13
N ASP B 73 -28.02 -2.81 9.88
CA ASP B 73 -29.32 -2.29 9.48
C ASP B 73 -29.73 -3.18 8.31
N THR B 74 -30.45 -4.27 8.61
CA THR B 74 -30.89 -5.22 7.59
C THR B 74 -31.75 -4.63 6.48
N SER B 75 -32.49 -3.57 6.79
CA SER B 75 -33.36 -2.93 5.79
C SER B 75 -32.60 -2.30 4.63
N SER B 76 -31.38 -1.83 4.91
CA SER B 76 -30.55 -1.20 3.88
C SER B 76 -29.30 -2.00 3.50
N ASN B 77 -29.18 -3.23 4.02
CA ASN B 77 -28.04 -4.10 3.75
C ASN B 77 -26.71 -3.47 4.16
N THR B 78 -26.69 -2.75 5.27
CA THR B 78 -25.47 -2.08 5.70
C THR B 78 -25.03 -2.45 7.10
N ALA B 79 -23.74 -2.76 7.24
CA ALA B 79 -23.14 -3.09 8.53
C ALA B 79 -22.26 -1.89 8.89
N TYR B 80 -22.12 -1.62 10.18
CA TYR B 80 -21.32 -0.47 10.62
C TYR B 80 -20.25 -0.83 11.63
N LEU B 81 -19.19 -0.04 11.65
CA LEU B 81 -18.10 -0.20 12.63
C LEU B 81 -17.98 1.16 13.30
N HIS B 82 -18.18 1.18 14.61
CA HIS B 82 -18.07 2.43 15.37
C HIS B 82 -16.81 2.39 16.22
N LEU B 83 -15.99 3.43 16.10
CA LEU B 83 -14.75 3.52 16.86
C LEU B 83 -14.82 4.78 17.74
N SER B 84 -14.57 4.62 19.03
CA SER B 84 -14.62 5.76 19.94
C SER B 84 -13.26 6.16 20.50
N SER B 85 -13.16 7.41 20.97
CA SER B 85 -11.94 7.96 21.56
C SER B 85 -10.69 7.66 20.73
N LEU B 86 -10.72 8.07 19.48
CA LEU B 86 -9.62 7.85 18.56
C LEU B 86 -8.28 8.46 18.93
N THR B 87 -7.21 7.70 18.68
CA THR B 87 -5.82 8.13 18.95
C THR B 87 -5.04 7.81 17.66
N SER B 88 -3.78 8.21 17.61
CA SER B 88 -2.96 7.94 16.43
C SER B 88 -2.75 6.44 16.14
N GLU B 89 -3.09 5.59 17.10
CA GLU B 89 -2.98 4.15 16.93
C GLU B 89 -4.15 3.63 16.09
N ASP B 90 -5.17 4.48 15.92
CA ASP B 90 -6.36 4.11 15.14
C ASP B 90 -6.28 4.53 13.68
N THR B 91 -5.18 5.19 13.30
CA THR B 91 -4.97 5.59 11.91
C THR B 91 -4.66 4.29 11.16
N ALA B 92 -5.51 3.91 10.23
CA ALA B 92 -5.34 2.68 9.48
C ALA B 92 -6.40 2.55 8.40
N VAL B 93 -6.33 1.44 7.68
CA VAL B 93 -7.32 1.13 6.65
C VAL B 93 -8.14 0.02 7.30
N TYR B 94 -9.45 0.19 7.28
CA TYR B 94 -10.37 -0.79 7.84
C TYR B 94 -11.11 -1.52 6.71
N TYR B 95 -10.96 -2.84 6.68
CA TYR B 95 -11.58 -3.68 5.66
C TYR B 95 -12.85 -4.40 6.12
N CYS B 96 -13.80 -4.49 5.20
CA CYS B 96 -15.06 -5.18 5.44
C CYS B 96 -14.94 -6.51 4.71
N ASP B 97 -15.12 -7.61 5.44
CA ASP B 97 -15.03 -8.95 4.88
C ASP B 97 -16.36 -9.69 4.99
N GLY B 98 -16.92 -10.08 3.85
CA GLY B 98 -18.19 -10.79 3.84
C GLY B 98 -18.13 -12.17 3.23
N TYR B 99 -18.36 -13.20 4.04
CA TYR B 99 -18.35 -14.58 3.56
C TYR B 99 -19.76 -15.08 3.22
N TYR B 100 -19.93 -15.55 1.98
CA TYR B 100 -21.22 -16.08 1.53
C TYR B 100 -21.02 -17.58 1.44
N SER B 101 -21.47 -18.30 2.47
CA SER B 101 -21.32 -19.75 2.53
C SER B 101 -22.04 -20.57 1.46
N TYR B 102 -23.08 -20.01 0.84
CA TYR B 102 -23.82 -20.74 -0.19
C TYR B 102 -22.96 -20.95 -1.45
N TYR B 103 -22.01 -20.06 -1.67
CA TYR B 103 -21.10 -20.15 -2.81
C TYR B 103 -19.70 -20.58 -2.34
N ASP B 104 -19.51 -20.68 -1.02
CA ASP B 104 -18.22 -21.02 -0.42
C ASP B 104 -17.22 -19.97 -0.94
N MET B 105 -17.64 -18.71 -0.89
CA MET B 105 -16.81 -17.62 -1.39
C MET B 105 -16.65 -16.49 -0.37
N ASP B 106 -15.47 -15.89 -0.38
CA ASP B 106 -15.13 -14.79 0.51
C ASP B 106 -15.03 -13.52 -0.32
N TYR B 107 -15.73 -12.47 0.10
CA TYR B 107 -15.74 -11.19 -0.60
C TYR B 107 -15.19 -10.07 0.27
N TRP B 108 -14.38 -9.20 -0.31
CA TRP B 108 -13.78 -8.09 0.42
C TRP B 108 -14.15 -6.73 -0.17
N GLY B 109 -14.20 -5.72 0.70
CA GLY B 109 -14.47 -4.37 0.27
C GLY B 109 -13.14 -3.70 -0.02
N PRO B 110 -13.11 -2.52 -0.64
CA PRO B 110 -11.86 -1.82 -0.94
C PRO B 110 -11.12 -1.23 0.25
N GLY B 111 -11.77 -1.22 1.42
CA GLY B 111 -11.15 -0.66 2.60
C GLY B 111 -11.44 0.83 2.75
N THR B 112 -11.52 1.30 4.00
CA THR B 112 -11.76 2.70 4.30
C THR B 112 -10.59 3.24 5.11
N SER B 113 -9.93 4.24 4.54
CA SER B 113 -8.77 4.85 5.17
C SER B 113 -9.17 5.91 6.20
N VAL B 114 -8.73 5.73 7.45
CA VAL B 114 -9.03 6.66 8.53
C VAL B 114 -7.73 7.32 9.01
N THR B 115 -7.69 8.64 8.97
CA THR B 115 -6.52 9.40 9.43
C THR B 115 -6.91 10.19 10.67
N VAL B 116 -6.27 9.92 11.79
CA VAL B 116 -6.55 10.63 13.04
C VAL B 116 -5.52 11.73 13.20
N SER B 117 -5.94 12.97 12.95
CA SER B 117 -5.03 14.11 13.05
C SER B 117 -5.76 15.42 13.29
N SER B 118 -5.06 16.38 13.87
CA SER B 118 -5.62 17.69 14.12
C SER B 118 -5.22 18.68 13.03
N ALA B 119 -4.48 18.20 12.02
CA ALA B 119 -4.03 19.05 10.90
C ALA B 119 -5.20 19.42 9.98
N LYS B 120 -5.11 20.60 9.38
CA LYS B 120 -6.18 21.09 8.50
C LYS B 120 -6.01 20.70 7.03
N THR B 121 -7.14 20.64 6.33
CA THR B 121 -7.15 20.31 4.92
C THR B 121 -6.49 21.43 4.11
N THR B 122 -5.46 21.07 3.35
CA THR B 122 -4.72 22.04 2.54
C THR B 122 -4.61 21.55 1.09
N ALA B 123 -4.83 22.46 0.16
CA ALA B 123 -4.72 22.15 -1.26
C ALA B 123 -3.23 22.13 -1.63
N PRO B 124 -2.85 21.30 -2.62
CA PRO B 124 -1.45 21.21 -3.04
C PRO B 124 -0.96 22.30 -3.98
N SER B 125 0.36 22.43 -4.03
CA SER B 125 1.04 23.34 -4.94
C SER B 125 1.69 22.39 -5.95
N VAL B 126 1.43 22.56 -7.22
CA VAL B 126 1.99 21.65 -8.23
C VAL B 126 3.06 22.33 -9.07
N TYR B 127 4.22 21.68 -9.19
CA TYR B 127 5.35 22.23 -9.94
C TYR B 127 5.88 21.32 -11.05
N PRO B 128 6.01 21.85 -12.28
CA PRO B 128 6.52 21.10 -13.43
C PRO B 128 8.03 21.00 -13.37
N LEU B 129 8.58 19.83 -13.68
CA LEU B 129 10.03 19.61 -13.65
C LEU B 129 10.59 19.31 -15.04
N ALA B 130 11.20 20.33 -15.64
CA ALA B 130 11.81 20.20 -16.97
C ALA B 130 13.30 19.87 -16.80
N PRO B 131 13.88 19.15 -17.76
CA PRO B 131 15.30 18.74 -17.74
C PRO B 131 16.24 19.91 -17.48
N VAL B 132 17.45 19.59 -17.01
CA VAL B 132 18.44 20.62 -16.72
C VAL B 132 18.75 21.45 -17.96
N CYS B 133 18.86 22.76 -17.77
CA CYS B 133 19.13 23.72 -18.83
C CYS B 133 20.47 23.41 -19.53
N SER B 139 18.41 10.55 -26.92
CA SER B 139 17.80 9.20 -26.97
C SER B 139 16.47 9.18 -26.24
N SER B 140 16.53 9.39 -24.92
CA SER B 140 15.34 9.43 -24.07
C SER B 140 15.43 10.65 -23.17
N VAL B 141 14.27 11.11 -22.69
CA VAL B 141 14.21 12.26 -21.82
C VAL B 141 13.18 12.00 -20.72
N THR B 142 13.57 12.28 -19.47
CA THR B 142 12.69 12.09 -18.33
C THR B 142 12.16 13.41 -17.78
N LEU B 143 10.84 13.50 -17.66
CA LEU B 143 10.18 14.70 -17.12
C LEU B 143 9.57 14.33 -15.77
N GLY B 144 9.21 15.35 -14.99
CA GLY B 144 8.64 15.08 -13.69
C GLY B 144 7.58 16.07 -13.24
N CYS B 145 6.93 15.76 -12.13
CA CYS B 145 5.91 16.60 -11.55
C CYS B 145 5.98 16.49 -10.03
N LEU B 146 6.09 17.64 -9.35
CA LEU B 146 6.19 17.68 -7.89
C LEU B 146 4.92 18.26 -7.24
N VAL B 147 4.28 17.47 -6.38
CA VAL B 147 3.06 17.89 -5.68
C VAL B 147 3.45 18.08 -4.21
N LYS B 148 3.48 19.32 -3.77
CA LYS B 148 3.92 19.61 -2.41
C LYS B 148 2.94 20.33 -1.50
N GLY B 149 2.99 19.99 -0.21
CA GLY B 149 2.17 20.63 0.81
C GLY B 149 0.66 20.45 0.81
N TYR B 150 0.19 19.21 0.76
CA TYR B 150 -1.25 18.97 0.78
C TYR B 150 -1.62 18.06 1.95
N PHE B 151 -2.90 18.10 2.31
CA PHE B 151 -3.42 17.28 3.41
C PHE B 151 -4.95 17.27 3.32
N PRO B 152 -5.56 16.08 3.47
CA PRO B 152 -4.95 14.77 3.69
C PRO B 152 -4.83 14.02 2.36
N GLU B 153 -4.54 12.74 2.42
CA GLU B 153 -4.46 11.91 1.22
C GLU B 153 -5.90 11.61 0.79
N PRO B 154 -6.11 11.30 -0.49
CA PRO B 154 -5.11 11.20 -1.55
C PRO B 154 -5.23 12.27 -2.63
N VAL B 155 -4.31 12.22 -3.57
CA VAL B 155 -4.33 13.09 -4.74
C VAL B 155 -4.16 12.10 -5.87
N THR B 156 -4.78 12.37 -7.01
CA THR B 156 -4.60 11.49 -8.17
C THR B 156 -3.84 12.32 -9.19
N LEU B 157 -2.86 11.69 -9.83
CA LEU B 157 -2.05 12.39 -10.82
C LEU B 157 -2.01 11.54 -12.08
N THR B 158 -2.16 12.19 -13.22
CA THR B 158 -2.11 11.53 -14.52
C THR B 158 -1.30 12.42 -15.45
N TRP B 159 -0.85 11.84 -16.55
CA TRP B 159 -0.08 12.56 -17.56
C TRP B 159 -0.94 12.56 -18.82
N ASN B 160 -1.09 13.73 -19.45
CA ASN B 160 -1.90 13.88 -20.65
C ASN B 160 -3.28 13.24 -20.51
N SER B 161 -3.91 13.54 -19.37
CA SER B 161 -5.23 13.04 -19.02
C SER B 161 -5.34 11.53 -18.94
N GLY B 162 -4.21 10.85 -18.83
CA GLY B 162 -4.22 9.40 -18.75
C GLY B 162 -3.81 8.71 -20.04
N SER B 163 -3.63 9.48 -21.11
CA SER B 163 -3.22 8.95 -22.40
C SER B 163 -1.83 8.36 -22.29
N LEU B 164 -0.95 9.11 -21.62
CA LEU B 164 0.43 8.71 -21.41
C LEU B 164 0.46 7.87 -20.13
N SER B 165 0.66 6.57 -20.27
CA SER B 165 0.69 5.66 -19.13
C SER B 165 1.93 4.77 -19.03
N SER B 166 2.68 4.65 -20.12
CA SER B 166 3.89 3.84 -20.14
C SER B 166 5.09 4.68 -19.71
N GLY B 167 6.01 4.04 -18.99
CA GLY B 167 7.21 4.73 -18.52
C GLY B 167 6.91 5.74 -17.43
N VAL B 168 5.83 5.49 -16.69
CA VAL B 168 5.43 6.38 -15.60
C VAL B 168 5.69 5.76 -14.23
N HIS B 169 6.23 6.58 -13.32
CA HIS B 169 6.49 6.15 -11.96
C HIS B 169 5.92 7.18 -11.01
N THR B 170 4.91 6.78 -10.25
CA THR B 170 4.32 7.68 -9.26
C THR B 170 4.74 7.13 -7.91
N PHE B 171 5.44 7.96 -7.15
CA PHE B 171 5.94 7.56 -5.85
C PHE B 171 4.97 7.80 -4.71
N PRO B 172 4.99 6.90 -3.71
CA PRO B 172 4.11 7.00 -2.53
C PRO B 172 4.35 8.31 -1.81
N ALA B 173 3.27 8.96 -1.36
CA ALA B 173 3.36 10.22 -0.65
C ALA B 173 4.05 10.04 0.71
N VAL B 174 4.83 11.04 1.11
CA VAL B 174 5.54 11.01 2.38
C VAL B 174 5.10 12.18 3.25
N LEU B 175 4.66 11.88 4.47
CA LEU B 175 4.20 12.91 5.41
C LEU B 175 5.32 13.50 6.24
N GLN B 176 5.33 14.82 6.36
CA GLN B 176 6.34 15.51 7.16
C GLN B 176 5.78 16.84 7.66
N SER B 177 5.59 16.91 8.98
CA SER B 177 5.06 18.10 9.64
C SER B 177 3.64 18.45 9.19
N ASP B 178 2.79 17.43 9.14
CA ASP B 178 1.38 17.55 8.77
C ASP B 178 1.10 17.92 7.31
N LEU B 179 2.08 17.68 6.44
CA LEU B 179 1.93 17.96 5.01
C LEU B 179 2.61 16.86 4.18
N TYR B 180 1.93 16.43 3.13
CA TYR B 180 2.45 15.39 2.24
C TYR B 180 3.15 15.95 1.02
N THR B 181 4.07 15.17 0.48
CA THR B 181 4.81 15.51 -0.73
C THR B 181 4.77 14.26 -1.58
N LEU B 182 4.46 14.44 -2.86
CA LEU B 182 4.39 13.32 -3.80
C LEU B 182 5.07 13.78 -5.08
N SER B 183 5.61 12.84 -5.84
CA SER B 183 6.27 13.17 -7.10
C SER B 183 6.00 12.08 -8.13
N SER B 184 6.22 12.40 -9.39
CA SER B 184 6.00 11.45 -10.48
C SER B 184 6.95 11.74 -11.63
N SER B 185 7.43 10.69 -12.28
CA SER B 185 8.33 10.83 -13.41
C SER B 185 7.77 10.10 -14.63
N VAL B 186 8.03 10.63 -15.82
CA VAL B 186 7.57 10.00 -17.05
C VAL B 186 8.73 10.05 -18.04
N THR B 187 9.03 8.92 -18.66
CA THR B 187 10.12 8.85 -19.62
C THR B 187 9.58 8.63 -21.02
N VAL B 188 9.92 9.53 -21.93
CA VAL B 188 9.49 9.45 -23.32
C VAL B 188 10.69 9.56 -24.25
N THR B 189 10.51 9.20 -25.52
CA THR B 189 11.59 9.28 -26.49
C THR B 189 11.88 10.75 -26.81
N SER B 190 13.13 11.06 -27.13
CA SER B 190 13.54 12.43 -27.44
C SER B 190 12.82 13.05 -28.64
N SER B 191 12.07 12.24 -29.38
CA SER B 191 11.32 12.71 -30.54
C SER B 191 9.94 13.23 -30.13
N THR B 192 9.42 12.68 -29.03
CA THR B 192 8.10 13.04 -28.51
C THR B 192 8.08 14.42 -27.84
N TRP B 193 9.14 14.75 -27.13
CA TRP B 193 9.22 16.04 -26.42
C TRP B 193 10.49 16.77 -26.85
N PRO B 194 10.42 18.11 -26.99
CA PRO B 194 9.26 18.99 -26.78
C PRO B 194 8.31 19.21 -27.97
N SER B 195 8.49 18.46 -29.06
CA SER B 195 7.62 18.63 -30.24
C SER B 195 6.15 18.48 -29.87
N GLN B 196 5.86 17.55 -28.97
CA GLN B 196 4.49 17.32 -28.52
C GLN B 196 4.40 17.67 -27.03
N SER B 197 3.32 18.34 -26.65
CA SER B 197 3.13 18.75 -25.27
C SER B 197 2.81 17.62 -24.30
N ILE B 198 3.37 17.75 -23.10
CA ILE B 198 3.17 16.79 -22.03
C ILE B 198 2.68 17.60 -20.83
N THR B 199 1.55 17.18 -20.28
CA THR B 199 0.94 17.88 -19.16
C THR B 199 0.70 16.97 -17.97
N CYS B 200 0.92 17.54 -16.79
CA CYS B 200 0.72 16.84 -15.52
C CYS B 200 -0.64 17.29 -14.97
N ASN B 201 -1.56 16.36 -14.74
CA ASN B 201 -2.89 16.69 -14.22
C ASN B 201 -3.02 16.21 -12.78
N VAL B 202 -3.37 17.12 -11.88
CA VAL B 202 -3.51 16.75 -10.47
C VAL B 202 -4.88 17.13 -9.90
N ALA B 203 -5.44 16.23 -9.10
CA ALA B 203 -6.72 16.46 -8.46
C ALA B 203 -6.65 16.10 -6.98
N HIS B 204 -7.19 16.97 -6.14
CA HIS B 204 -7.23 16.75 -4.70
C HIS B 204 -8.69 16.81 -4.27
N PRO B 205 -9.35 15.65 -4.13
CA PRO B 205 -10.76 15.55 -3.73
C PRO B 205 -11.13 16.31 -2.46
N ALA B 206 -10.33 16.15 -1.41
CA ALA B 206 -10.61 16.79 -0.12
C ALA B 206 -10.75 18.31 -0.18
N SER B 207 -10.05 18.96 -1.08
CA SER B 207 -10.13 20.42 -1.19
C SER B 207 -10.88 20.87 -2.43
N SER B 208 -11.37 19.90 -3.22
CA SER B 208 -12.10 20.18 -4.45
C SER B 208 -11.32 21.05 -5.43
N THR B 209 -10.03 20.75 -5.59
CA THR B 209 -9.19 21.52 -6.50
C THR B 209 -8.52 20.64 -7.55
N LYS B 210 -8.21 21.25 -8.69
CA LYS B 210 -7.53 20.57 -9.79
C LYS B 210 -6.58 21.58 -10.41
N VAL B 211 -5.57 21.08 -11.11
CA VAL B 211 -4.62 21.97 -11.77
C VAL B 211 -3.83 21.20 -12.81
N ASP B 212 -3.59 21.86 -13.95
CA ASP B 212 -2.82 21.28 -15.04
C ASP B 212 -1.53 22.07 -15.19
N LYS B 213 -0.41 21.35 -15.28
CA LYS B 213 0.88 22.00 -15.48
C LYS B 213 1.58 21.41 -16.69
N LYS B 214 1.81 22.26 -17.68
CA LYS B 214 2.48 21.86 -18.91
C LYS B 214 4.00 21.91 -18.68
N ILE B 215 4.71 20.87 -19.09
CA ILE B 215 6.16 20.81 -18.92
C ILE B 215 6.83 21.49 -20.11
N GLU B 216 7.38 22.68 -19.89
CA GLU B 216 8.05 23.42 -20.96
C GLU B 216 9.55 23.53 -20.69
N PRO B 217 10.36 23.53 -21.76
CA PRO B 217 11.82 23.62 -21.63
C PRO B 217 12.27 24.92 -20.96
N ARG B 218 13.34 24.83 -20.18
CA ARG B 218 13.90 25.99 -19.47
C ARG B 218 14.59 26.96 -20.43
N VAL C 1 -29.53 -20.02 8.47
CA VAL C 1 -28.49 -19.74 7.44
C VAL C 1 -27.37 -20.77 7.51
N LYS C 2 -26.92 -21.24 6.35
CA LYS C 2 -25.84 -22.23 6.26
C LYS C 2 -24.60 -21.70 6.98
N ALA C 3 -23.97 -22.57 7.79
CA ALA C 3 -22.78 -22.18 8.55
C ALA C 3 -21.64 -21.62 7.69
N GLU C 4 -20.85 -20.73 8.27
CA GLU C 4 -19.70 -20.13 7.58
C GLU C 4 -18.72 -21.26 7.30
N THR C 5 -18.54 -21.56 6.02
CA THR C 5 -17.68 -22.65 5.55
C THR C 5 -16.28 -22.76 6.16
N ARG C 6 -15.49 -21.69 6.04
CA ARG C 6 -14.12 -21.66 6.55
C ARG C 6 -13.98 -21.77 8.07
N LEU C 7 -15.04 -21.44 8.80
CA LEU C 7 -15.01 -21.48 10.26
C LEU C 7 -15.41 -22.80 10.89
N ASN C 8 -14.85 -23.07 12.06
CA ASN C 8 -15.12 -24.28 12.84
C ASN C 8 -16.63 -24.26 13.15
N PRO C 9 -17.36 -25.31 12.74
CA PRO C 9 -18.80 -25.39 12.99
C PRO C 9 -19.24 -25.38 14.45
N ASP C 10 -18.33 -25.74 15.36
CA ASP C 10 -18.66 -25.79 16.79
C ASP C 10 -18.75 -24.41 17.44
N LEU C 11 -18.27 -23.38 16.73
CA LEU C 11 -18.32 -22.01 17.23
C LEU C 11 -19.65 -21.35 16.88
N GLN C 12 -20.32 -21.91 15.88
CA GLN C 12 -21.57 -21.36 15.37
C GLN C 12 -22.86 -22.00 15.90
N PRO C 13 -23.88 -21.17 16.21
CA PRO C 13 -23.83 -19.70 16.12
C PRO C 13 -23.35 -19.01 17.41
N THR C 14 -23.21 -17.68 17.35
CA THR C 14 -22.76 -16.88 18.48
C THR C 14 -23.85 -16.90 19.57
N GLU C 15 -23.47 -17.44 20.73
CA GLU C 15 -24.36 -17.54 21.88
C GLU C 15 -24.64 -16.20 22.58
#